data_6R3F
#
_entry.id   6R3F
#
_cell.length_a   96.119
_cell.length_b   64.137
_cell.length_c   87.654
_cell.angle_alpha   90.00
_cell.angle_beta   90.00
_cell.angle_gamma   90.00
#
_symmetry.space_group_name_H-M   'P 21 21 2'
#
loop_
_entity.id
_entity.type
_entity.pdbx_description
1 polymer 'Ferulic acid decarboxylase 1'
2 non-polymer 'MANGANESE (II) ION'
3 non-polymer 'POTASSIUM ION'
4 non-polymer '[(2~{R},3~{S},4~{S})-2,3,4-tris(oxidanyl)-5-[(16~{R})-11,12,14,14-tetramethyl-5-oxidanyl-3-oxidanylidene-16-(2-phenylethyl)-1,4,6,8-tetrazatetracyclo[7.7.1.0^{2,7}.0^{13,17}]heptadeca-2(7),5,9(17),10,12-pentaen-8-yl]pentyl] dihydrogen phosphate'
5 water water
#
_entity_poly.entity_id   1
_entity_poly.type   'polypeptide(L)'
_entity_poly.pdbx_seq_one_letter_code
;MSAQPAHLCFRSFVEALKVDNDLVEINTPIDPNLEAAAITRRVCETNDKAPLFNNLIGMKNGLFRILGAPGSLRKSSADR
YGRLARHLALPPTASMREILDKMLSASDMPPIPPTIVPTGPCKENSLDDSEFDLTELPVPLIHKSDGGKYIQTYGMHIVQ
SPDGTWTNWSIARAMVHDKNHLTGLVIPPQHIWQIHQMWKKEGRSDVPWALAFGVPPAAIMASSMPIPDGVTEAGYVGAM
TGSSLELVKCDTNDLYVPATSEIVLEGTLSISETGPEGPFGQMHGYIFPGDTHLGAKYKVNRITYRNNAIMPMSSCGRLT
DETHTMIGSLAAAEIRKLCQQNDLPITDAFAPFESQVTWVALRVDTEKLRAMKTTSEGFRKRVGDVVFNHKAGYTIHRLV
LVGDDIDVYEGKDVLWAFSTRCRPGMDETLFEDVRGFPLIPYMGHGNGPAHRGGKVVSDALMPTEYTTGRNWEAADFNQS
YPEDLKQKVLDNWTKMGFSNLEHHHHHH
;
_entity_poly.pdbx_strand_id   A
#
loop_
_chem_comp.id
_chem_comp.type
_chem_comp.name
_chem_comp.formula
JQK non-polymer '[(2~{R},3~{S},4~{S})-2,3,4-tris(oxidanyl)-5-[(16~{R})-11,12,14,14-tetramethyl-5-oxidanyl-3-oxidanylidene-16-(2-phenylethyl)-1,4,6,8-tetrazatetracyclo[7.7.1.0^{2,7}.0^{13,17}]heptadeca-2(7),5,9(17),10,12-pentaen-8-yl]pentyl] dihydrogen phosphate' 'C30 H39 N4 O9 P'
K non-polymer 'POTASSIUM ION' 'K 1'
MN non-polymer 'MANGANESE (II) ION' 'Mn 2'
#
# COMPACT_ATOMS: atom_id res chain seq x y z
N GLN A 4 16.65 -2.12 18.84
CA GLN A 4 15.84 -1.03 18.11
C GLN A 4 14.46 -1.56 17.96
N PRO A 5 13.45 -0.71 18.15
CA PRO A 5 12.08 -1.17 18.05
C PRO A 5 11.73 -1.68 16.65
N ALA A 6 10.78 -2.63 16.61
CA ALA A 6 10.32 -3.22 15.34
C ALA A 6 9.82 -2.18 14.28
N HIS A 7 9.13 -1.14 14.76
CA HIS A 7 8.62 -0.20 13.79
C HIS A 7 9.69 0.76 13.19
N LEU A 8 10.86 0.76 13.84
CA LEU A 8 11.96 1.64 13.45
C LEU A 8 13.11 0.89 12.81
N CYS A 9 13.05 -0.44 12.68
CA CYS A 9 14.17 -1.20 12.18
C CYS A 9 13.63 -2.52 11.60
N PHE A 10 13.87 -2.69 10.29
CA PHE A 10 13.38 -3.89 9.61
C PHE A 10 13.90 -5.16 10.23
N ARG A 11 15.20 -5.23 10.62
CA ARG A 11 15.70 -6.42 11.21
C ARG A 11 14.97 -6.79 12.47
N SER A 12 14.63 -5.79 13.26
CA SER A 12 13.80 -5.98 14.45
C SER A 12 12.39 -6.39 14.14
N PHE A 13 11.83 -5.89 13.05
CA PHE A 13 10.51 -6.32 12.55
C PHE A 13 10.48 -7.80 12.29
N VAL A 14 11.51 -8.24 11.54
CA VAL A 14 11.64 -9.73 11.25
C VAL A 14 11.62 -10.51 12.53
N GLU A 15 12.39 -10.08 13.53
N GLU A 15 12.37 -10.08 13.54
CA GLU A 15 12.41 -10.78 14.81
CA GLU A 15 12.39 -10.77 14.81
C GLU A 15 11.03 -10.75 15.45
C GLU A 15 11.04 -10.71 15.51
N ALA A 16 10.31 -9.61 15.33
CA ALA A 16 8.97 -9.52 15.93
C ALA A 16 8.06 -10.55 15.28
N LEU A 17 8.12 -10.69 13.98
CA LEU A 17 7.29 -11.67 13.32
C LEU A 17 7.61 -13.11 13.85
N LYS A 18 8.88 -13.40 14.07
N LYS A 18 8.91 -13.33 14.03
CA LYS A 18 9.25 -14.71 14.64
CA LYS A 18 9.44 -14.63 14.46
C LYS A 18 8.55 -14.86 15.97
C LYS A 18 8.83 -14.89 15.88
N VAL A 19 8.85 -13.94 16.88
N VAL A 19 8.81 -13.90 16.76
CA VAL A 19 8.28 -14.00 18.24
CA VAL A 19 8.27 -14.11 18.17
C VAL A 19 6.76 -14.16 18.20
C VAL A 19 6.72 -14.02 18.28
N ASP A 20 6.09 -13.54 17.22
CA ASP A 20 4.64 -13.62 17.03
C ASP A 20 4.17 -15.00 16.49
N ASN A 21 5.11 -15.90 16.20
CA ASN A 21 4.82 -17.15 15.60
C ASN A 21 4.08 -16.89 14.25
N ASP A 22 4.61 -15.84 13.55
CA ASP A 22 4.02 -15.40 12.27
C ASP A 22 5.08 -15.43 11.12
N LEU A 23 6.14 -16.22 11.30
N LEU A 23 6.04 -16.34 11.18
CA LEU A 23 7.24 -16.36 10.37
CA LEU A 23 7.14 -16.34 10.27
C LEU A 23 7.50 -17.83 10.16
C LEU A 23 7.69 -17.73 10.16
N VAL A 24 7.85 -18.21 8.95
CA VAL A 24 8.44 -19.54 8.64
C VAL A 24 9.76 -19.32 7.99
N GLU A 25 10.82 -19.79 8.66
CA GLU A 25 12.17 -19.67 8.13
C GLU A 25 12.49 -20.92 7.26
N ILE A 26 12.89 -20.70 6.03
N ILE A 26 12.86 -20.69 6.01
CA ILE A 26 13.19 -21.77 5.12
CA ILE A 26 13.21 -21.75 5.07
C ILE A 26 14.66 -21.72 4.82
C ILE A 26 14.68 -21.70 4.86
N ASN A 27 15.39 -22.72 5.35
CA ASN A 27 16.84 -22.69 5.38
C ASN A 27 17.49 -23.59 4.32
N THR A 28 16.61 -24.31 3.58
CA THR A 28 17.03 -25.11 2.46
C THR A 28 16.99 -24.24 1.14
N PRO A 29 17.71 -24.70 0.09
CA PRO A 29 17.81 -23.79 -1.09
C PRO A 29 16.48 -23.61 -1.77
N ILE A 30 16.19 -22.32 -2.03
CA ILE A 30 14.95 -21.90 -2.74
C ILE A 30 15.40 -21.14 -3.95
N ASP A 31 14.74 -21.37 -5.10
CA ASP A 31 15.11 -20.68 -6.33
C ASP A 31 14.40 -19.32 -6.37
N PRO A 32 15.11 -18.23 -6.61
CA PRO A 32 14.45 -16.94 -6.85
C PRO A 32 13.70 -16.95 -8.16
N ASN A 33 14.10 -17.81 -9.11
CA ASN A 33 13.25 -17.95 -10.35
C ASN A 33 11.92 -18.72 -10.02
N LEU A 34 10.90 -17.93 -9.73
CA LEU A 34 9.56 -18.34 -9.42
C LEU A 34 9.26 -19.05 -8.11
N GLU A 35 10.17 -19.86 -7.56
CA GLU A 35 9.79 -20.63 -6.43
C GLU A 35 9.50 -19.81 -5.14
N ALA A 36 10.43 -18.79 -4.85
CA ALA A 36 10.23 -17.98 -3.67
C ALA A 36 8.84 -17.26 -3.77
N ALA A 37 8.60 -16.69 -4.99
CA ALA A 37 7.37 -15.97 -5.23
C ALA A 37 6.11 -16.89 -5.22
N ALA A 38 6.27 -18.12 -5.68
CA ALA A 38 5.15 -19.02 -5.61
C ALA A 38 4.70 -19.40 -4.23
N ILE A 39 5.75 -19.67 -3.38
CA ILE A 39 5.50 -19.92 -1.98
C ILE A 39 4.77 -18.71 -1.35
N THR A 40 5.33 -17.52 -1.66
CA THR A 40 4.80 -16.29 -1.09
C THR A 40 3.32 -16.04 -1.56
N ARG A 41 3.10 -16.32 -2.82
CA ARG A 41 1.74 -16.17 -3.41
C ARG A 41 0.76 -17.09 -2.66
N ARG A 42 1.15 -18.32 -2.43
N ARG A 42 1.13 -18.31 -2.39
CA ARG A 42 0.34 -19.27 -1.66
CA ARG A 42 0.20 -19.16 -1.67
C ARG A 42 0.05 -18.77 -0.25
C ARG A 42 0.02 -18.75 -0.21
N VAL A 43 1.08 -18.19 0.39
CA VAL A 43 0.92 -17.62 1.73
C VAL A 43 -0.16 -16.54 1.69
N CYS A 44 -0.03 -15.62 0.67
CA CYS A 44 -0.94 -14.52 0.49
C CYS A 44 -2.41 -14.90 0.20
N GLU A 45 -2.56 -16.00 -0.53
CA GLU A 45 -3.92 -16.52 -0.85
C GLU A 45 -4.54 -17.27 0.26
N THR A 46 -3.72 -17.65 1.26
CA THR A 46 -4.25 -18.43 2.36
C THR A 46 -4.03 -17.77 3.74
N ASN A 47 -3.55 -16.54 3.76
CA ASN A 47 -3.26 -15.86 4.99
C ASN A 47 -2.29 -16.58 5.99
N ASP A 48 -1.32 -17.26 5.39
CA ASP A 48 -0.40 -18.00 6.20
C ASP A 48 0.72 -17.06 6.78
N LYS A 49 1.66 -17.69 7.45
CA LYS A 49 2.84 -17.02 8.02
C LYS A 49 3.74 -16.49 6.92
N ALA A 50 4.44 -15.36 7.24
CA ALA A 50 5.31 -14.79 6.28
C ALA A 50 6.54 -15.68 6.04
N PRO A 51 7.06 -15.92 4.84
CA PRO A 51 8.22 -16.76 4.59
C PRO A 51 9.46 -15.98 4.59
N LEU A 52 10.49 -16.47 5.27
CA LEU A 52 11.82 -15.87 5.24
C LEU A 52 12.72 -16.86 4.54
N PHE A 53 13.26 -16.59 3.40
CA PHE A 53 14.11 -17.43 2.61
C PHE A 53 15.55 -17.11 2.97
N ASN A 54 16.13 -17.94 3.80
CA ASN A 54 17.51 -17.74 4.24
C ASN A 54 18.58 -18.40 3.39
N ASN A 55 18.19 -19.13 2.36
CA ASN A 55 19.06 -19.88 1.54
C ASN A 55 18.60 -19.75 0.09
N LEU A 56 18.93 -18.68 -0.59
N LEU A 56 18.73 -18.60 -0.54
CA LEU A 56 18.30 -18.32 -1.83
CA LEU A 56 18.35 -18.40 -1.96
C LEU A 56 19.37 -18.68 -2.89
C LEU A 56 19.43 -18.84 -2.85
N ILE A 57 19.08 -19.48 -3.89
CA ILE A 57 20.03 -19.91 -4.90
C ILE A 57 20.46 -18.69 -5.67
N GLY A 58 21.78 -18.49 -5.65
CA GLY A 58 22.38 -17.29 -6.29
C GLY A 58 22.84 -16.20 -5.28
N MET A 59 22.46 -16.31 -4.00
N MET A 59 22.55 -16.39 -4.00
CA MET A 59 22.96 -15.32 -2.99
CA MET A 59 23.16 -15.48 -3.05
C MET A 59 24.45 -15.42 -2.91
C MET A 59 24.65 -15.41 -3.30
N LYS A 60 25.16 -14.26 -3.02
CA LYS A 60 26.65 -14.17 -3.05
C LYS A 60 27.05 -13.07 -2.16
N ASN A 61 28.03 -13.27 -1.23
CA ASN A 61 28.66 -12.09 -0.54
C ASN A 61 27.58 -11.36 0.32
N GLY A 62 26.58 -12.07 0.76
CA GLY A 62 25.61 -11.50 1.64
C GLY A 62 24.39 -10.93 0.91
N LEU A 63 24.37 -10.94 -0.39
CA LEU A 63 23.20 -10.44 -1.13
C LEU A 63 22.44 -11.60 -1.78
N PHE A 64 21.21 -11.97 -1.34
CA PHE A 64 20.45 -11.47 -0.20
C PHE A 64 19.52 -12.57 0.19
N ARG A 65 18.97 -12.48 1.38
CA ARG A 65 17.79 -13.29 1.81
C ARG A 65 16.55 -12.55 1.35
N ILE A 66 15.39 -13.25 1.37
CA ILE A 66 14.15 -12.59 1.06
C ILE A 66 13.12 -12.76 2.14
N LEU A 67 12.34 -11.78 2.54
CA LEU A 67 11.14 -11.93 3.33
C LEU A 67 9.95 -11.63 2.44
N GLY A 68 9.07 -12.60 2.27
CA GLY A 68 7.82 -12.39 1.51
C GLY A 68 6.71 -11.98 2.41
N ALA A 69 5.64 -11.43 1.76
CA ALA A 69 4.41 -11.13 2.44
C ALA A 69 4.57 -10.29 3.75
N PRO A 70 5.39 -9.19 3.65
CA PRO A 70 5.63 -8.40 4.89
C PRO A 70 4.42 -7.67 5.46
N GLY A 71 3.40 -7.37 4.57
CA GLY A 71 2.27 -6.62 4.99
C GLY A 71 0.95 -7.30 4.66
N SER A 72 1.03 -8.63 4.55
CA SER A 72 -0.17 -9.41 4.28
C SER A 72 -0.94 -9.81 5.51
N LEU A 73 -2.06 -10.55 5.35
CA LEU A 73 -3.00 -10.80 6.42
C LEU A 73 -2.66 -12.11 7.22
N ARG A 74 -3.04 -12.09 8.48
CA ARG A 74 -2.95 -13.34 9.28
C ARG A 74 -4.33 -14.04 9.23
N LYS A 75 -4.32 -15.35 9.57
CA LYS A 75 -5.44 -16.16 9.43
C LYS A 75 -6.56 -15.80 10.37
N SER A 76 -6.21 -15.58 11.58
N SER A 76 -6.22 -15.49 11.55
CA SER A 76 -7.21 -15.28 12.63
CA SER A 76 -7.26 -15.30 12.59
C SER A 76 -7.88 -13.94 12.43
C SER A 76 -7.85 -13.93 12.57
N SER A 77 -9.16 -13.89 12.84
CA SER A 77 -9.84 -12.65 12.86
C SER A 77 -9.31 -11.71 13.91
N ALA A 78 -8.87 -12.17 15.04
CA ALA A 78 -8.55 -11.28 16.13
C ALA A 78 -7.24 -10.52 15.84
N ASP A 79 -6.28 -11.10 15.11
CA ASP A 79 -5.03 -10.40 14.75
C ASP A 79 -4.84 -10.31 13.26
N ARG A 80 -5.93 -10.29 12.52
CA ARG A 80 -5.93 -10.22 11.09
C ARG A 80 -4.89 -9.22 10.47
N TYR A 81 -4.84 -8.02 11.11
CA TYR A 81 -3.99 -6.96 10.62
C TYR A 81 -2.70 -6.82 11.44
N GLY A 82 -2.30 -7.88 12.13
CA GLY A 82 -1.22 -7.84 13.00
C GLY A 82 0.10 -7.49 12.33
N ARG A 83 0.35 -7.94 11.12
CA ARG A 83 1.59 -7.59 10.48
C ARG A 83 1.64 -6.09 10.25
N LEU A 84 0.52 -5.45 9.85
N LEU A 84 0.52 -5.46 9.84
CA LEU A 84 0.46 -3.98 9.71
CA LEU A 84 0.47 -3.97 9.71
C LEU A 84 0.66 -3.29 11.06
C LEU A 84 0.67 -3.29 11.06
N ALA A 85 0.02 -3.77 12.10
CA ALA A 85 0.18 -3.26 13.43
C ALA A 85 1.68 -3.27 13.86
N ARG A 86 2.39 -4.30 13.46
CA ARG A 86 3.84 -4.43 13.80
C ARG A 86 4.66 -3.40 13.04
N HIS A 87 4.14 -2.81 11.96
CA HIS A 87 4.90 -1.74 11.25
C HIS A 87 4.77 -0.41 12.05
N LEU A 88 3.93 -0.35 13.07
CA LEU A 88 3.55 0.88 13.69
C LEU A 88 3.53 0.95 15.18
N ALA A 89 4.03 -0.08 15.84
CA ALA A 89 4.13 -0.16 17.31
C ALA A 89 2.78 -0.32 17.94
N LEU A 90 1.76 -0.72 17.14
CA LEU A 90 0.44 -0.96 17.66
C LEU A 90 0.29 -2.43 18.18
N PRO A 91 -0.64 -2.62 19.12
CA PRO A 91 -0.94 -4.03 19.48
C PRO A 91 -1.36 -4.84 18.28
N PRO A 92 -1.05 -6.13 18.25
CA PRO A 92 -1.36 -6.93 17.07
C PRO A 92 -2.86 -7.17 16.81
N THR A 93 -3.67 -6.88 17.82
CA THR A 93 -5.12 -6.93 17.68
C THR A 93 -5.75 -5.60 17.19
N ALA A 94 -4.94 -4.65 16.86
CA ALA A 94 -5.40 -3.41 16.38
C ALA A 94 -6.41 -3.53 15.20
N SER A 95 -7.47 -2.72 15.26
CA SER A 95 -8.41 -2.66 14.20
C SER A 95 -7.88 -1.88 13.00
N MET A 96 -8.53 -2.03 11.86
N MET A 96 -8.47 -2.05 11.81
CA MET A 96 -8.20 -1.21 10.75
CA MET A 96 -8.04 -1.24 10.65
C MET A 96 -8.38 0.24 11.05
C MET A 96 -8.39 0.26 10.96
N ARG A 97 -9.46 0.60 11.73
CA ARG A 97 -9.68 2.02 12.07
C ARG A 97 -8.48 2.56 12.85
N GLU A 98 -7.97 1.77 13.81
CA GLU A 98 -6.83 2.18 14.64
C GLU A 98 -5.64 2.26 13.79
N ILE A 99 -5.32 1.40 12.87
CA ILE A 99 -4.18 1.51 11.99
C ILE A 99 -4.30 2.77 11.15
N LEU A 100 -5.43 3.00 10.56
CA LEU A 100 -5.60 4.19 9.65
C LEU A 100 -5.51 5.43 10.48
N ASP A 101 -6.08 5.49 11.64
CA ASP A 101 -5.97 6.66 12.51
C ASP A 101 -4.51 6.89 12.86
N LYS A 102 -3.73 5.89 13.13
CA LYS A 102 -2.33 6.07 13.36
C LYS A 102 -1.65 6.69 12.19
N MET A 103 -1.90 6.16 10.95
CA MET A 103 -1.31 6.72 9.74
C MET A 103 -1.77 8.14 9.45
N LEU A 104 -2.94 8.58 9.90
CA LEU A 104 -3.40 9.96 9.68
C LEU A 104 -3.02 10.89 10.84
N SER A 105 -2.46 10.36 11.89
CA SER A 105 -2.24 11.12 13.09
C SER A 105 -1.24 12.31 12.92
N ALA A 106 -0.24 12.11 12.05
CA ALA A 106 0.74 13.17 11.82
C ALA A 106 0.26 14.26 10.96
N SER A 107 -0.95 14.19 10.35
N SER A 107 -0.86 14.12 10.24
CA SER A 107 -1.45 15.22 9.45
CA SER A 107 -1.39 15.18 9.42
C SER A 107 -1.81 16.63 10.06
C SER A 107 -1.53 16.53 10.17
N ASP A 108 -2.05 16.69 11.35
N ASP A 108 -1.95 16.38 11.44
CA ASP A 108 -2.08 18.00 12.09
CA ASP A 108 -2.28 17.52 12.30
C ASP A 108 -1.15 17.91 13.29
C ASP A 108 -1.10 18.12 13.11
N MET A 109 0.04 17.42 13.01
CA MET A 109 1.14 17.64 13.97
C MET A 109 2.34 18.30 13.26
N PRO A 110 3.14 19.04 13.99
CA PRO A 110 4.37 19.51 13.37
C PRO A 110 5.24 18.34 12.94
N PRO A 111 5.88 18.41 11.74
CA PRO A 111 6.88 17.40 11.38
C PRO A 111 7.99 17.30 12.38
N ILE A 112 8.59 16.11 12.56
CA ILE A 112 9.76 15.90 13.35
C ILE A 112 10.85 15.52 12.36
N PRO A 113 11.70 16.53 11.98
CA PRO A 113 12.65 16.25 10.93
C PRO A 113 13.66 15.14 11.33
N PRO A 114 14.24 14.47 10.38
CA PRO A 114 15.18 13.42 10.66
C PRO A 114 16.51 13.92 11.26
N THR A 115 17.21 13.01 11.90
CA THR A 115 18.53 13.23 12.50
C THR A 115 19.55 12.54 11.71
N ILE A 116 20.63 13.24 11.34
CA ILE A 116 21.70 12.71 10.57
C ILE A 116 22.70 12.10 11.54
N VAL A 117 23.04 10.86 11.29
CA VAL A 117 24.10 10.15 12.00
C VAL A 117 25.21 9.74 11.07
N PRO A 118 26.41 9.49 11.65
CA PRO A 118 27.57 9.29 10.77
C PRO A 118 27.67 7.94 10.12
N THR A 119 27.03 6.92 10.68
CA THR A 119 27.08 5.62 10.06
C THR A 119 25.86 4.79 10.62
N GLY A 120 25.70 3.58 10.04
CA GLY A 120 24.70 2.65 10.46
C GLY A 120 24.92 1.33 9.85
N PRO A 121 24.03 0.35 10.23
CA PRO A 121 24.17 -0.94 9.67
C PRO A 121 24.20 -1.06 8.12
N CYS A 122 23.52 -0.14 7.46
CA CYS A 122 23.45 -0.16 6.05
C CYS A 122 24.80 0.10 5.33
N LYS A 123 25.82 0.50 6.17
CA LYS A 123 27.16 0.69 5.69
C LYS A 123 28.06 -0.47 5.99
N GLU A 124 27.57 -1.56 6.47
CA GLU A 124 28.42 -2.69 6.84
C GLU A 124 29.22 -3.27 5.64
N ASN A 125 28.64 -3.21 4.46
CA ASN A 125 29.23 -3.72 3.28
C ASN A 125 28.98 -2.70 2.12
N SER A 126 29.88 -2.70 1.16
CA SER A 126 29.65 -1.93 -0.04
C SER A 126 30.29 -2.51 -1.28
N LEU A 127 29.60 -2.23 -2.43
CA LEU A 127 30.07 -2.64 -3.75
C LEU A 127 30.02 -1.42 -4.67
N ASP A 128 31.21 -1.08 -5.18
CA ASP A 128 31.30 -0.06 -6.18
C ASP A 128 30.87 -0.62 -7.59
N ASP A 129 30.88 0.34 -8.54
N ASP A 129 30.87 0.22 -8.59
CA ASP A 129 30.67 0.24 -10.03
CA ASP A 129 30.36 -0.12 -9.92
C ASP A 129 31.38 -0.89 -10.85
C ASP A 129 31.16 -1.29 -10.60
N SER A 130 32.41 -1.41 -10.31
CA SER A 130 33.32 -2.51 -10.83
C SER A 130 33.07 -3.79 -10.06
N GLU A 131 32.25 -3.77 -8.98
CA GLU A 131 32.10 -5.00 -8.19
C GLU A 131 30.75 -5.62 -8.12
N PHE A 132 29.68 -4.97 -8.59
CA PHE A 132 28.41 -5.63 -8.56
C PHE A 132 27.96 -5.78 -10.00
N ASP A 133 26.98 -6.65 -10.14
CA ASP A 133 26.25 -6.84 -11.40
C ASP A 133 24.84 -7.27 -10.99
N LEU A 134 23.86 -6.42 -11.35
CA LEU A 134 22.47 -6.66 -10.88
C LEU A 134 21.90 -7.92 -11.50
N THR A 135 22.45 -8.32 -12.67
CA THR A 135 22.01 -9.59 -13.30
C THR A 135 22.52 -10.87 -12.63
N GLU A 136 23.46 -10.70 -11.70
CA GLU A 136 24.08 -11.82 -10.97
C GLU A 136 23.53 -11.92 -9.59
N LEU A 137 22.72 -11.03 -9.14
CA LEU A 137 22.10 -11.13 -7.84
C LEU A 137 20.87 -12.10 -7.94
N PRO A 138 20.35 -12.57 -6.79
CA PRO A 138 19.23 -13.48 -6.80
C PRO A 138 17.87 -12.83 -6.85
N VAL A 139 17.76 -11.89 -7.80
CA VAL A 139 16.56 -11.13 -7.99
C VAL A 139 15.41 -12.10 -8.43
N PRO A 140 14.26 -11.98 -7.78
CA PRO A 140 13.22 -12.91 -8.12
C PRO A 140 12.50 -12.65 -9.47
N LEU A 141 12.15 -13.74 -10.14
CA LEU A 141 11.08 -13.67 -11.18
C LEU A 141 9.83 -13.98 -10.39
N ILE A 142 8.91 -13.08 -10.29
CA ILE A 142 7.75 -13.11 -9.36
C ILE A 142 6.55 -13.82 -10.00
N HIS A 143 6.30 -13.61 -11.30
CA HIS A 143 5.22 -14.29 -12.02
C HIS A 143 5.84 -14.79 -13.32
N LYS A 144 5.26 -15.91 -13.80
N LYS A 144 5.40 -15.97 -13.87
CA LYS A 144 5.90 -16.55 -14.87
CA LYS A 144 6.23 -16.53 -15.01
C LYS A 144 6.07 -15.77 -16.22
C LYS A 144 6.20 -15.64 -16.25
N SER A 145 5.10 -14.86 -16.45
CA SER A 145 5.05 -14.00 -17.55
C SER A 145 5.59 -12.58 -17.37
N ASP A 146 6.18 -12.29 -16.21
CA ASP A 146 6.74 -10.92 -16.00
C ASP A 146 7.77 -10.65 -17.08
N GLY A 147 7.89 -9.35 -17.36
CA GLY A 147 8.88 -8.93 -18.36
C GLY A 147 10.27 -8.71 -17.85
N GLY A 148 10.54 -8.99 -16.60
CA GLY A 148 11.85 -8.83 -16.00
C GLY A 148 11.80 -9.36 -14.58
N LYS A 149 12.97 -9.33 -13.93
N LYS A 149 13.01 -9.32 -13.97
CA LYS A 149 13.11 -9.74 -12.56
CA LYS A 149 13.27 -9.65 -12.59
C LYS A 149 12.94 -8.56 -11.67
C LYS A 149 12.96 -8.49 -11.68
N TYR A 150 11.84 -8.50 -10.95
CA TYR A 150 11.44 -7.34 -10.15
C TYR A 150 12.11 -7.31 -8.84
N ILE A 151 13.27 -6.66 -8.81
CA ILE A 151 14.01 -6.41 -7.58
C ILE A 151 13.27 -5.56 -6.63
N GLN A 152 12.44 -4.63 -7.16
CA GLN A 152 11.87 -3.61 -6.33
C GLN A 152 10.38 -3.74 -6.29
N THR A 153 9.91 -4.37 -5.24
CA THR A 153 8.55 -4.46 -4.93
C THR A 153 8.14 -3.93 -3.52
N TYR A 154 9.19 -3.68 -2.61
CA TYR A 154 8.83 -3.22 -1.28
C TYR A 154 9.98 -2.33 -0.70
N GLY A 155 10.78 -1.80 -1.57
CA GLY A 155 11.70 -0.75 -1.14
C GLY A 155 11.16 0.61 -1.36
N MET A 156 11.86 1.58 -0.88
CA MET A 156 11.49 2.99 -0.88
C MET A 156 12.39 3.79 -1.82
N HIS A 157 11.82 4.40 -2.82
CA HIS A 157 12.59 5.38 -3.65
C HIS A 157 12.65 6.69 -2.91
N ILE A 158 13.84 7.30 -2.99
CA ILE A 158 14.15 8.57 -2.36
C ILE A 158 14.63 9.55 -3.46
N VAL A 159 13.79 10.56 -3.64
CA VAL A 159 14.15 11.65 -4.62
C VAL A 159 13.78 12.95 -3.90
N GLN A 160 14.51 14.03 -4.34
CA GLN A 160 14.34 15.36 -3.77
C GLN A 160 14.13 16.40 -4.86
N SER A 161 13.24 17.38 -4.59
CA SER A 161 13.06 18.49 -5.53
C SER A 161 14.39 19.21 -5.82
N PRO A 162 14.51 19.74 -7.00
CA PRO A 162 15.74 20.50 -7.32
C PRO A 162 16.14 21.55 -6.22
N ASP A 163 15.15 22.22 -5.66
CA ASP A 163 15.42 23.28 -4.69
C ASP A 163 15.73 22.76 -3.28
N GLY A 164 15.62 21.43 -3.09
CA GLY A 164 15.98 20.83 -1.83
C GLY A 164 14.94 20.80 -0.78
N THR A 165 13.80 21.39 -1.03
CA THR A 165 12.77 21.63 -0.03
C THR A 165 11.84 20.42 0.29
N TRP A 166 11.79 19.52 -0.69
CA TRP A 166 10.88 18.36 -0.50
C TRP A 166 11.68 17.11 -0.85
N THR A 167 11.71 16.17 0.12
CA THR A 167 12.30 14.85 -0.12
C THR A 167 11.12 13.77 0.00
N ASN A 168 10.93 13.16 -1.15
CA ASN A 168 9.83 12.21 -1.19
C ASN A 168 10.33 10.79 -1.06
N TRP A 169 9.56 10.02 -0.24
CA TRP A 169 9.70 8.56 -0.06
C TRP A 169 8.39 7.83 -0.61
N SER A 170 8.67 6.91 -1.52
CA SER A 170 7.46 6.22 -2.10
C SER A 170 7.96 4.87 -2.62
N ILE A 171 6.93 3.97 -2.72
CA ILE A 171 7.13 2.71 -3.43
C ILE A 171 6.62 2.85 -4.87
N ALA A 172 7.46 2.36 -5.76
CA ALA A 172 7.13 2.21 -7.23
C ALA A 172 7.91 1.05 -7.74
N ARG A 173 7.34 0.17 -8.54
CA ARG A 173 8.00 -1.03 -8.97
C ARG A 173 9.21 -0.78 -9.86
N ALA A 174 10.19 -1.65 -9.84
CA ALA A 174 11.27 -1.59 -10.77
C ALA A 174 11.89 -2.92 -10.98
N MET A 175 12.41 -3.19 -12.13
CA MET A 175 13.01 -4.44 -12.58
C MET A 175 14.42 -4.24 -13.13
N VAL A 176 15.22 -5.29 -13.10
CA VAL A 176 16.59 -5.20 -13.61
C VAL A 176 16.58 -5.08 -15.13
N HIS A 177 17.25 -4.11 -15.65
CA HIS A 177 17.47 -3.85 -17.08
C HIS A 177 18.77 -4.48 -17.58
N ASP A 178 19.83 -4.17 -16.81
CA ASP A 178 21.17 -4.70 -17.14
C ASP A 178 22.05 -4.70 -15.90
N LYS A 179 23.38 -4.90 -16.09
CA LYS A 179 24.24 -4.96 -14.90
C LYS A 179 24.16 -3.80 -13.94
N ASN A 180 23.90 -2.65 -14.45
CA ASN A 180 23.88 -1.40 -13.61
C ASN A 180 22.68 -0.48 -13.84
N HIS A 181 21.56 -1.03 -14.35
CA HIS A 181 20.40 -0.22 -14.50
C HIS A 181 19.11 -0.98 -14.18
N LEU A 182 18.13 -0.25 -13.68
CA LEU A 182 16.72 -0.70 -13.56
C LEU A 182 15.83 0.08 -14.54
N THR A 183 14.67 -0.53 -14.82
CA THR A 183 13.60 0.20 -15.36
C THR A 183 12.44 0.15 -14.45
N GLY A 184 11.54 1.16 -14.42
CA GLY A 184 10.42 1.09 -13.53
C GLY A 184 9.30 2.01 -13.94
N LEU A 185 8.17 1.95 -13.21
N LEU A 185 8.25 2.03 -13.15
CA LEU A 185 7.03 2.86 -13.42
CA LEU A 185 7.04 2.71 -13.48
C LEU A 185 7.24 4.13 -12.72
C LEU A 185 7.07 4.07 -12.73
N VAL A 186 7.13 5.21 -13.49
CA VAL A 186 7.15 6.59 -12.96
C VAL A 186 6.00 7.29 -13.73
N ILE A 187 4.81 7.41 -13.09
CA ILE A 187 3.65 7.85 -13.77
C ILE A 187 2.92 8.94 -13.01
N PRO A 188 2.21 9.85 -13.76
CA PRO A 188 1.44 10.84 -13.07
C PRO A 188 0.24 10.22 -12.34
N PRO A 189 -0.23 10.77 -11.25
CA PRO A 189 0.24 11.99 -10.55
C PRO A 189 1.23 11.75 -9.39
N GLN A 190 1.91 10.60 -9.48
CA GLN A 190 2.72 10.16 -8.32
C GLN A 190 3.84 11.17 -8.01
N HIS A 191 4.22 11.23 -6.74
CA HIS A 191 5.28 12.23 -6.39
C HIS A 191 6.57 11.89 -7.04
N ILE A 192 7.01 10.67 -7.24
CA ILE A 192 8.23 10.41 -7.94
C ILE A 192 8.19 11.02 -9.33
N TRP A 193 7.02 10.93 -10.03
CA TRP A 193 6.84 11.57 -11.28
C TRP A 193 6.83 13.09 -11.20
N GLN A 194 6.14 13.63 -10.22
CA GLN A 194 6.10 15.13 -10.03
C GLN A 194 7.54 15.62 -9.87
N ILE A 195 8.33 15.03 -9.04
CA ILE A 195 9.75 15.44 -8.86
C ILE A 195 10.53 15.21 -10.08
N HIS A 196 10.36 14.11 -10.79
N HIS A 196 10.37 14.11 -10.80
CA HIS A 196 11.07 13.85 -11.97
CA HIS A 196 11.06 13.84 -12.00
C HIS A 196 10.80 15.06 -12.97
C HIS A 196 10.81 15.01 -13.04
N GLN A 197 9.53 15.47 -13.10
CA GLN A 197 9.19 16.55 -14.00
C GLN A 197 9.93 17.83 -13.62
N MET A 198 10.11 18.09 -12.34
CA MET A 198 10.81 19.32 -11.97
C MET A 198 12.20 19.19 -12.45
N TRP A 199 12.90 18.12 -12.34
CA TRP A 199 14.26 17.95 -12.84
C TRP A 199 14.34 18.06 -14.36
N LYS A 200 13.34 17.51 -15.02
N LYS A 200 13.36 17.46 -15.03
CA LYS A 200 13.34 17.54 -16.49
CA LYS A 200 13.26 17.56 -16.50
C LYS A 200 13.21 18.97 -17.00
C LYS A 200 13.23 19.00 -16.97
N LYS A 201 12.37 19.75 -16.33
CA LYS A 201 12.16 21.14 -16.70
C LYS A 201 13.44 21.94 -16.40
N GLU A 202 14.14 21.64 -15.38
CA GLU A 202 15.40 22.32 -15.16
C GLU A 202 16.44 21.95 -16.20
N GLY A 203 16.42 20.69 -16.64
CA GLY A 203 17.19 20.22 -17.78
C GLY A 203 18.66 20.08 -17.69
N ARG A 204 19.18 20.20 -16.44
CA ARG A 204 20.64 20.28 -16.13
C ARG A 204 21.25 18.87 -15.86
N SER A 205 20.55 18.06 -15.11
N SER A 205 20.45 18.03 -15.23
CA SER A 205 21.12 16.75 -14.77
CA SER A 205 20.98 16.91 -14.44
C SER A 205 20.07 15.73 -14.51
C SER A 205 20.03 15.74 -14.40
N ASP A 206 20.53 14.51 -14.49
CA ASP A 206 19.71 13.39 -14.06
C ASP A 206 19.36 13.55 -12.55
N VAL A 207 18.33 12.88 -12.06
CA VAL A 207 17.83 13.08 -10.75
C VAL A 207 18.66 12.22 -9.75
N PRO A 208 19.30 12.85 -8.72
CA PRO A 208 19.96 12.06 -7.72
C PRO A 208 18.85 11.16 -7.07
N TRP A 209 19.26 9.93 -6.83
CA TRP A 209 18.32 8.86 -6.45
C TRP A 209 18.94 7.89 -5.49
N ALA A 210 18.14 7.35 -4.59
CA ALA A 210 18.51 6.15 -3.87
C ALA A 210 17.19 5.28 -3.75
N LEU A 211 17.44 3.99 -3.60
CA LEU A 211 16.36 3.02 -3.37
C LEU A 211 16.82 2.19 -2.15
N ALA A 212 16.06 2.29 -1.08
CA ALA A 212 16.39 1.61 0.14
C ALA A 212 15.43 0.49 0.41
N PHE A 213 15.92 -0.72 0.58
CA PHE A 213 15.11 -1.91 0.86
C PHE A 213 15.21 -2.23 2.30
N GLY A 214 14.18 -2.76 2.90
CA GLY A 214 14.24 -3.13 4.32
C GLY A 214 14.43 -1.93 5.15
N VAL A 215 13.68 -0.92 4.92
CA VAL A 215 13.65 0.32 5.67
C VAL A 215 12.81 0.19 6.89
N PRO A 216 12.86 1.13 7.85
CA PRO A 216 11.95 1.12 8.99
C PRO A 216 10.54 0.86 8.61
N PRO A 217 9.85 -0.08 9.20
CA PRO A 217 8.51 -0.38 8.80
C PRO A 217 7.60 0.79 8.88
N ALA A 218 7.73 1.74 9.78
CA ALA A 218 6.81 2.88 9.80
C ALA A 218 7.06 3.78 8.54
N ALA A 219 8.28 3.77 8.03
CA ALA A 219 8.61 4.52 6.84
C ALA A 219 8.04 3.84 5.63
N ILE A 220 8.03 2.52 5.48
CA ILE A 220 7.45 1.91 4.27
C ILE A 220 5.98 2.11 4.27
N MET A 221 5.34 2.20 5.40
N MET A 221 5.32 2.18 5.45
CA MET A 221 3.92 2.50 5.34
CA MET A 221 3.86 2.52 5.54
C MET A 221 3.66 3.91 4.90
C MET A 221 3.64 3.90 4.93
N ALA A 222 4.39 4.94 5.33
CA ALA A 222 4.18 6.27 4.77
C ALA A 222 4.60 6.28 3.32
N SER A 223 5.56 5.51 2.86
CA SER A 223 5.96 5.41 1.54
C SER A 223 4.79 5.03 0.61
N SER A 224 3.89 4.17 1.15
N SER A 224 3.90 4.15 1.13
CA SER A 224 2.69 3.63 0.45
CA SER A 224 2.76 3.65 0.32
C SER A 224 1.49 4.51 0.57
C SER A 224 1.54 4.52 0.51
N MET A 225 1.57 5.68 1.20
CA MET A 225 0.44 6.50 1.51
C MET A 225 0.50 7.82 0.75
N PRO A 226 -0.63 8.27 0.20
CA PRO A 226 -0.58 9.54 -0.60
C PRO A 226 -0.78 10.72 0.32
N ILE A 227 0.24 10.95 1.21
CA ILE A 227 0.28 12.21 1.97
C ILE A 227 0.47 13.36 0.98
N PRO A 228 0.24 14.59 1.51
CA PRO A 228 0.13 15.71 0.54
C PRO A 228 1.42 16.02 -0.24
N ASP A 229 1.14 16.67 -1.37
CA ASP A 229 2.18 17.23 -2.19
C ASP A 229 3.13 18.13 -1.39
N GLY A 230 4.44 18.00 -1.59
CA GLY A 230 5.40 18.87 -0.93
C GLY A 230 5.69 18.47 0.49
N VAL A 231 5.10 17.40 1.08
CA VAL A 231 5.37 16.97 2.41
C VAL A 231 6.44 15.88 2.43
N THR A 232 7.54 16.09 3.12
CA THR A 232 8.56 15.13 3.24
C THR A 232 8.13 14.01 4.18
N GLU A 233 8.12 12.84 3.62
CA GLU A 233 7.63 11.64 4.40
C GLU A 233 8.45 11.46 5.67
N ALA A 234 9.78 11.71 5.64
CA ALA A 234 10.55 11.45 6.86
C ALA A 234 10.03 12.16 8.05
N GLY A 235 9.69 13.42 7.89
CA GLY A 235 9.11 14.28 8.95
C GLY A 235 7.72 13.83 9.49
N TYR A 236 6.96 13.36 8.51
CA TYR A 236 5.64 12.81 8.86
C TYR A 236 5.76 11.53 9.65
N VAL A 237 6.65 10.63 9.21
CA VAL A 237 6.93 9.44 10.01
C VAL A 237 7.45 9.76 11.41
N GLY A 238 8.35 10.79 11.42
CA GLY A 238 8.84 11.24 12.72
C GLY A 238 7.76 11.67 13.65
N ALA A 239 6.81 12.51 13.16
CA ALA A 239 5.68 12.94 13.95
C ALA A 239 4.79 11.76 14.36
N MET A 240 4.47 10.90 13.43
N MET A 240 4.56 10.86 13.38
CA MET A 240 3.58 9.80 13.81
CA MET A 240 3.71 9.63 13.57
C MET A 240 4.19 8.89 14.91
C MET A 240 4.19 8.70 14.71
N THR A 241 5.49 8.60 14.78
CA THR A 241 6.19 7.71 15.72
C THR A 241 6.65 8.45 17.01
N GLY A 242 6.60 9.76 16.96
CA GLY A 242 7.08 10.57 18.10
C GLY A 242 8.57 10.62 18.20
N SER A 243 9.32 10.21 17.20
CA SER A 243 10.77 10.21 17.24
C SER A 243 11.39 10.59 15.92
N SER A 244 12.46 11.33 15.92
CA SER A 244 13.20 11.61 14.75
C SER A 244 13.87 10.39 14.13
N LEU A 245 13.65 10.14 12.85
CA LEU A 245 14.34 9.03 12.19
C LEU A 245 15.82 9.29 12.00
N GLU A 246 16.62 8.31 12.23
CA GLU A 246 18.05 8.39 12.05
C GLU A 246 18.38 8.00 10.60
N LEU A 247 19.00 8.94 9.88
CA LEU A 247 19.43 8.76 8.47
C LEU A 247 20.94 8.94 8.31
N VAL A 248 21.53 8.22 7.37
N VAL A 248 21.52 8.29 7.32
CA VAL A 248 22.92 8.34 7.00
CA VAL A 248 22.92 8.38 7.01
C VAL A 248 23.04 8.88 5.62
C VAL A 248 23.10 8.80 5.59
N LYS A 249 24.08 9.62 5.28
CA LYS A 249 24.27 10.09 3.90
C LYS A 249 24.71 8.93 3.00
N CYS A 250 24.13 8.94 1.81
CA CYS A 250 24.68 8.14 0.78
C CYS A 250 26.21 8.38 0.52
N ASP A 251 26.90 7.40 0.01
CA ASP A 251 28.31 7.57 -0.30
C ASP A 251 28.60 8.42 -1.55
N THR A 252 27.77 8.26 -2.56
CA THR A 252 27.95 8.91 -3.87
C THR A 252 27.05 10.09 -4.17
N ASN A 253 26.09 10.43 -3.27
CA ASN A 253 25.28 11.62 -3.48
C ASN A 253 24.89 12.09 -2.12
N ASP A 254 24.16 13.20 -2.07
CA ASP A 254 23.86 13.89 -0.86
C ASP A 254 22.48 13.54 -0.30
N LEU A 255 21.89 12.46 -0.83
CA LEU A 255 20.65 12.01 -0.22
C LEU A 255 20.89 11.22 1.04
N TYR A 256 19.86 11.11 1.89
CA TYR A 256 19.96 10.45 3.16
C TYR A 256 19.04 9.21 3.27
N VAL A 257 19.56 8.12 3.71
CA VAL A 257 18.82 6.85 3.75
C VAL A 257 18.65 6.45 5.17
N PRO A 258 17.67 5.59 5.55
CA PRO A 258 17.53 5.15 6.92
C PRO A 258 18.77 4.32 7.31
N ALA A 259 19.29 4.65 8.52
CA ALA A 259 20.54 4.04 8.97
C ALA A 259 20.56 2.51 9.04
N THR A 260 19.38 1.93 9.29
CA THR A 260 19.29 0.51 9.38
C THR A 260 18.69 -0.17 8.08
N SER A 261 18.68 0.57 7.00
CA SER A 261 18.28 -0.03 5.73
C SER A 261 19.04 -1.31 5.45
N GLU A 262 18.34 -2.37 5.04
CA GLU A 262 19.01 -3.62 4.67
C GLU A 262 19.98 -3.55 3.47
N ILE A 263 19.44 -2.87 2.40
CA ILE A 263 20.15 -2.77 1.21
C ILE A 263 19.85 -1.41 0.60
N VAL A 264 20.85 -0.69 0.10
CA VAL A 264 20.70 0.59 -0.51
C VAL A 264 21.37 0.62 -1.87
N LEU A 265 20.57 1.05 -2.87
CA LEU A 265 21.13 1.34 -4.17
C LEU A 265 21.22 2.89 -4.32
N GLU A 266 22.35 3.36 -4.82
CA GLU A 266 22.56 4.82 -5.03
C GLU A 266 22.79 5.04 -6.49
N GLY A 267 22.21 6.08 -7.04
CA GLY A 267 22.49 6.45 -8.44
C GLY A 267 21.68 7.57 -8.93
N THR A 268 21.11 7.38 -10.13
CA THR A 268 20.36 8.43 -10.83
C THR A 268 19.15 7.89 -11.51
N LEU A 269 18.10 8.72 -11.53
CA LEU A 269 16.94 8.50 -12.35
C LEU A 269 17.11 9.44 -13.60
N SER A 270 17.14 8.83 -14.77
CA SER A 270 17.45 9.63 -15.98
C SER A 270 16.32 10.56 -16.29
N ILE A 271 16.72 11.79 -16.73
CA ILE A 271 15.78 12.74 -17.31
C ILE A 271 15.61 12.61 -18.79
N SER A 272 16.38 11.67 -19.41
CA SER A 272 16.28 11.52 -20.85
C SER A 272 16.12 10.12 -21.39
N GLU A 273 16.55 9.09 -20.70
CA GLU A 273 16.52 7.74 -21.22
C GLU A 273 15.38 6.99 -20.65
N THR A 274 14.93 6.00 -21.44
CA THR A 274 13.91 5.01 -21.07
C THR A 274 14.44 3.66 -21.40
N GLY A 275 13.71 2.64 -20.91
CA GLY A 275 13.95 1.29 -21.35
C GLY A 275 12.71 0.40 -21.14
N PRO A 276 12.78 -0.81 -21.71
CA PRO A 276 11.60 -1.71 -21.62
C PRO A 276 11.26 -2.00 -20.18
N GLU A 277 9.97 -1.98 -19.84
CA GLU A 277 9.52 -2.20 -18.49
C GLU A 277 8.20 -2.94 -18.57
N GLY A 278 8.02 -3.95 -17.70
CA GLY A 278 6.86 -4.74 -17.64
C GLY A 278 6.80 -5.80 -18.72
N PRO A 279 5.72 -6.57 -18.74
CA PRO A 279 4.60 -6.49 -17.81
C PRO A 279 4.91 -7.02 -16.43
N PHE A 280 4.03 -6.67 -15.49
CA PHE A 280 4.11 -7.18 -14.14
C PHE A 280 2.77 -7.55 -13.60
N GLY A 281 2.78 -8.76 -12.99
CA GLY A 281 1.52 -9.30 -12.38
C GLY A 281 1.23 -8.40 -11.16
N GLN A 282 0.10 -7.73 -11.20
N GLN A 282 0.15 -7.56 -11.11
CA GLN A 282 -0.18 -6.61 -10.33
CA GLN A 282 -0.11 -6.68 -9.85
C GLN A 282 -1.47 -6.69 -9.43
C GLN A 282 -1.46 -5.86 -9.41
N MET A 283 -1.78 -5.56 -8.74
N MET A 283 -1.87 -5.99 -8.18
CA MET A 283 -2.72 -5.46 -7.64
CA MET A 283 -2.86 -5.18 -7.57
C MET A 283 -4.24 -5.93 -8.05
C MET A 283 -4.26 -5.84 -8.02
N HIS A 284 -4.61 -5.75 -9.30
CA HIS A 284 -5.89 -6.14 -9.78
C HIS A 284 -5.99 -7.59 -10.07
N GLY A 285 -4.85 -8.29 -10.10
CA GLY A 285 -4.88 -9.70 -10.31
C GLY A 285 -4.53 -10.19 -11.69
N TYR A 286 -3.87 -9.44 -12.53
CA TYR A 286 -3.68 -9.79 -13.93
C TYR A 286 -2.25 -9.58 -14.42
N ILE A 287 -1.81 -10.35 -15.36
CA ILE A 287 -0.66 -10.03 -16.22
C ILE A 287 -1.03 -10.20 -17.65
N PHE A 288 -0.64 -9.28 -18.47
CA PHE A 288 -0.90 -9.26 -19.91
C PHE A 288 0.44 -9.60 -20.59
N PRO A 289 0.69 -10.95 -20.76
N PRO A 289 0.69 -10.90 -20.98
CA PRO A 289 2.00 -11.33 -21.27
CA PRO A 289 2.03 -11.32 -21.50
C PRO A 289 2.32 -10.54 -22.55
C PRO A 289 2.65 -10.44 -22.54
N GLY A 290 3.55 -10.01 -22.60
N GLY A 290 1.78 -9.93 -23.38
CA GLY A 290 4.07 -9.36 -23.76
CA GLY A 290 2.23 -9.06 -24.44
C GLY A 290 3.88 -7.85 -23.75
C GLY A 290 2.83 -7.68 -24.11
N ASP A 291 3.04 -7.33 -22.83
CA ASP A 291 2.64 -5.83 -22.72
C ASP A 291 3.78 -5.16 -22.04
N THR A 292 4.80 -5.03 -22.85
CA THR A 292 5.97 -4.21 -22.45
C THR A 292 5.90 -2.75 -22.99
N HIS A 293 6.26 -1.75 -22.18
CA HIS A 293 6.22 -0.37 -22.63
C HIS A 293 7.46 0.27 -22.09
N LEU A 294 7.84 1.38 -22.63
CA LEU A 294 9.04 2.16 -22.15
C LEU A 294 8.72 2.68 -20.77
N GLY A 295 9.66 2.48 -19.85
CA GLY A 295 9.63 3.05 -18.52
C GLY A 295 10.82 3.91 -18.20
N ALA A 296 10.73 4.49 -17.05
CA ALA A 296 11.87 5.23 -16.53
C ALA A 296 13.10 4.34 -16.33
N LYS A 297 14.27 4.92 -16.42
CA LYS A 297 15.52 4.18 -16.30
C LYS A 297 16.36 4.74 -15.22
N TYR A 298 16.81 3.89 -14.33
CA TYR A 298 17.68 4.22 -13.20
C TYR A 298 19.02 3.60 -13.44
N LYS A 299 20.07 4.41 -13.16
CA LYS A 299 21.41 3.94 -13.07
C LYS A 299 21.91 3.75 -11.63
N VAL A 300 22.48 2.56 -11.42
CA VAL A 300 22.96 2.25 -10.12
C VAL A 300 24.50 2.38 -10.10
N ASN A 301 25.00 3.21 -9.24
CA ASN A 301 26.45 3.46 -9.06
C ASN A 301 27.10 2.70 -7.88
N ARG A 302 26.30 2.41 -6.86
CA ARG A 302 26.86 1.91 -5.64
C ARG A 302 25.73 1.11 -4.90
N ILE A 303 26.16 0.04 -4.25
CA ILE A 303 25.28 -0.79 -3.37
C ILE A 303 25.95 -0.81 -2.01
N THR A 304 25.14 -0.48 -1.00
CA THR A 304 25.59 -0.70 0.35
C THR A 304 24.60 -1.61 1.07
N TYR A 305 25.00 -2.40 2.05
CA TYR A 305 24.12 -3.40 2.65
C TYR A 305 24.55 -3.85 3.98
N ARG A 306 23.61 -4.25 4.80
CA ARG A 306 23.83 -4.94 6.05
C ARG A 306 24.42 -6.31 5.86
N ASN A 307 25.24 -6.69 6.87
CA ASN A 307 25.55 -8.11 6.97
C ASN A 307 24.24 -8.96 6.94
N ASN A 308 24.29 -10.03 6.18
CA ASN A 308 23.14 -10.95 6.10
C ASN A 308 21.81 -10.24 5.68
N ALA A 309 22.02 -9.33 4.77
CA ALA A 309 20.90 -8.51 4.25
C ALA A 309 19.64 -9.30 3.81
N ILE A 310 18.55 -8.70 4.16
CA ILE A 310 17.23 -9.27 3.82
C ILE A 310 16.48 -8.27 2.88
N MET A 311 16.02 -8.80 1.74
CA MET A 311 15.20 -8.03 0.75
C MET A 311 13.76 -8.36 0.99
N PRO A 312 12.89 -7.43 1.35
CA PRO A 312 11.47 -7.69 1.34
C PRO A 312 10.87 -7.76 -0.08
N MET A 313 9.91 -8.64 -0.21
CA MET A 313 9.26 -8.83 -1.57
C MET A 313 7.80 -8.97 -1.39
N SER A 314 7.03 -8.33 -2.32
CA SER A 314 5.59 -8.50 -2.44
C SER A 314 5.31 -9.37 -3.63
N SER A 315 4.78 -10.57 -3.45
CA SER A 315 4.35 -11.43 -4.56
C SER A 315 2.86 -11.10 -4.80
N CYS A 316 2.68 -10.02 -5.54
CA CYS A 316 1.39 -9.41 -5.69
C CYS A 316 0.52 -9.97 -6.76
N GLY A 317 -0.77 -9.77 -6.58
CA GLY A 317 -1.74 -10.23 -7.56
C GLY A 317 -3.17 -10.30 -6.96
N ARG A 318 -3.81 -11.46 -7.09
CA ARG A 318 -5.04 -11.67 -6.48
C ARG A 318 -5.00 -11.70 -4.97
N LEU A 319 -6.13 -11.57 -4.30
CA LEU A 319 -6.17 -11.31 -2.88
C LEU A 319 -5.37 -12.32 -2.09
N THR A 320 -4.69 -11.99 -0.97
CA THR A 320 -4.57 -10.63 -0.43
C THR A 320 -3.11 -10.37 -0.12
N ASP A 321 -2.63 -9.21 -0.59
CA ASP A 321 -1.25 -8.85 -0.39
C ASP A 321 -1.15 -7.36 -0.14
N GLU A 322 0.12 -6.89 -0.08
CA GLU A 322 0.41 -5.49 0.23
C GLU A 322 -0.21 -4.48 -0.70
N THR A 323 -0.44 -4.89 -1.93
CA THR A 323 -1.11 -4.03 -2.87
C THR A 323 -2.52 -3.77 -2.52
N HIS A 324 -3.14 -4.62 -1.71
CA HIS A 324 -4.49 -4.43 -1.22
C HIS A 324 -4.55 -3.80 0.15
N THR A 325 -3.75 -4.45 1.08
CA THR A 325 -3.82 -4.03 2.46
C THR A 325 -3.25 -2.60 2.70
N MET A 326 -2.18 -2.27 1.94
CA MET A 326 -1.50 -0.97 2.08
C MET A 326 -1.99 0.02 1.07
N ILE A 327 -1.97 -0.32 -0.23
CA ILE A 327 -2.34 0.68 -1.21
C ILE A 327 -3.74 1.15 -0.94
N GLY A 328 -4.70 0.17 -0.94
CA GLY A 328 -6.08 0.47 -0.76
C GLY A 328 -6.47 1.18 0.51
N SER A 329 -5.97 0.61 1.63
CA SER A 329 -6.39 1.13 2.92
C SER A 329 -5.84 2.55 3.13
N LEU A 330 -4.57 2.70 2.71
CA LEU A 330 -3.90 4.02 3.01
C LEU A 330 -4.53 5.10 2.12
N ALA A 331 -4.87 4.74 0.87
CA ALA A 331 -5.60 5.71 0.02
C ALA A 331 -6.92 6.08 0.64
N ALA A 332 -7.64 5.01 1.13
CA ALA A 332 -8.87 5.27 1.76
C ALA A 332 -8.77 6.22 2.99
N ALA A 333 -7.72 6.01 3.82
CA ALA A 333 -7.49 6.86 4.93
C ALA A 333 -7.35 8.39 4.48
N GLU A 334 -6.49 8.54 3.47
CA GLU A 334 -6.28 9.91 2.99
C GLU A 334 -7.56 10.51 2.41
N ILE A 335 -8.38 9.71 1.72
CA ILE A 335 -9.66 10.15 1.17
C ILE A 335 -10.61 10.57 2.32
N ARG A 336 -10.63 9.75 3.42
CA ARG A 336 -11.44 10.15 4.55
C ARG A 336 -11.10 11.56 5.04
N LYS A 337 -9.79 11.74 5.27
CA LYS A 337 -9.35 13.10 5.68
C LYS A 337 -9.69 14.20 4.68
N LEU A 338 -9.39 13.92 3.41
CA LEU A 338 -9.73 14.89 2.41
C LEU A 338 -11.19 15.30 2.43
N CYS A 339 -12.10 14.32 2.55
CA CYS A 339 -13.48 14.63 2.62
C CYS A 339 -13.84 15.50 3.81
N GLN A 340 -13.25 15.14 4.97
CA GLN A 340 -13.51 15.95 6.16
C GLN A 340 -13.00 17.42 6.05
N GLN A 341 -11.86 17.58 5.42
CA GLN A 341 -11.30 18.88 5.25
C GLN A 341 -12.10 19.74 4.28
N ASN A 342 -12.90 19.07 3.39
CA ASN A 342 -13.79 19.73 2.53
C ASN A 342 -15.21 19.88 3.11
N ASP A 343 -15.39 19.72 4.39
CA ASP A 343 -16.62 19.90 5.06
C ASP A 343 -17.72 18.85 4.65
N LEU A 344 -17.25 17.66 4.24
CA LEU A 344 -18.21 16.59 3.90
C LEU A 344 -18.33 15.69 5.15
N PRO A 345 -19.51 15.21 5.44
CA PRO A 345 -19.77 14.49 6.74
C PRO A 345 -19.40 13.00 6.64
N ILE A 346 -18.15 12.73 6.36
CA ILE A 346 -17.62 11.39 6.24
C ILE A 346 -16.96 11.04 7.53
N THR A 347 -17.28 9.88 8.12
CA THR A 347 -16.67 9.40 9.37
C THR A 347 -15.60 8.40 9.09
N ASP A 348 -15.68 7.59 8.04
CA ASP A 348 -14.80 6.41 7.87
C ASP A 348 -14.72 6.09 6.40
N ALA A 349 -13.63 5.55 5.96
CA ALA A 349 -13.44 5.12 4.56
C ALA A 349 -12.67 3.91 4.51
N PHE A 350 -12.95 2.95 3.61
CA PHE A 350 -12.16 1.79 3.48
C PHE A 350 -12.24 1.30 2.04
N ALA A 351 -11.25 0.70 1.43
CA ALA A 351 -11.33 0.10 0.06
C ALA A 351 -11.63 -1.35 0.24
N PRO A 352 -12.85 -1.83 -0.09
CA PRO A 352 -13.16 -3.25 0.15
C PRO A 352 -12.27 -4.13 -0.65
N PHE A 353 -11.75 -5.18 0.02
CA PHE A 353 -10.90 -6.08 -0.71
C PHE A 353 -11.66 -6.76 -1.84
N GLU A 354 -12.93 -7.05 -1.62
CA GLU A 354 -13.81 -7.68 -2.63
C GLU A 354 -13.87 -6.95 -3.98
N SER A 355 -13.64 -5.61 -3.88
CA SER A 355 -13.58 -4.73 -5.04
C SER A 355 -12.24 -4.70 -5.74
N GLN A 356 -11.26 -5.50 -5.26
CA GLN A 356 -9.89 -5.46 -5.71
C GLN A 356 -9.34 -4.06 -5.45
N VAL A 357 -9.76 -3.50 -4.33
CA VAL A 357 -9.37 -2.11 -3.92
C VAL A 357 -9.56 -1.11 -5.01
N THR A 358 -10.62 -1.25 -5.83
CA THR A 358 -11.03 -0.23 -6.85
C THR A 358 -12.19 0.57 -6.31
N TRP A 359 -12.87 0.17 -5.25
CA TRP A 359 -13.92 0.93 -4.62
C TRP A 359 -13.46 1.54 -3.36
N VAL A 360 -13.97 2.64 -2.88
CA VAL A 360 -13.95 3.04 -1.51
C VAL A 360 -15.29 3.30 -0.95
N ALA A 361 -15.65 2.71 0.16
CA ALA A 361 -16.89 2.95 0.82
C ALA A 361 -16.72 4.08 1.80
N LEU A 362 -17.56 5.06 1.79
CA LEU A 362 -17.57 6.23 2.60
C LEU A 362 -18.73 6.24 3.55
N ARG A 363 -18.51 6.08 4.84
CA ARG A 363 -19.51 6.09 5.88
C ARG A 363 -19.91 7.52 6.23
N VAL A 364 -21.17 7.87 6.07
CA VAL A 364 -21.68 9.20 6.24
C VAL A 364 -22.35 9.38 7.58
N ASP A 365 -22.06 10.48 8.25
CA ASP A 365 -22.75 10.91 9.40
C ASP A 365 -24.10 11.54 8.98
N THR A 366 -25.13 10.72 9.07
CA THR A 366 -26.35 11.12 8.45
C THR A 366 -27.08 12.19 9.26
N GLU A 367 -26.81 12.38 10.54
CA GLU A 367 -27.36 13.54 11.28
C GLU A 367 -26.80 14.85 10.63
N LYS A 368 -25.50 14.85 10.34
CA LYS A 368 -24.90 16.02 9.68
C LYS A 368 -25.45 16.16 8.27
N LEU A 369 -25.58 15.06 7.57
CA LEU A 369 -26.17 15.11 6.23
C LEU A 369 -27.57 15.72 6.24
N ARG A 370 -28.41 15.31 7.17
CA ARG A 370 -29.72 15.87 7.28
C ARG A 370 -29.77 17.34 7.45
N ALA A 371 -28.76 17.80 8.19
CA ALA A 371 -28.74 19.24 8.44
C ALA A 371 -28.35 20.06 7.18
N MET A 372 -27.66 19.43 6.24
CA MET A 372 -27.26 20.04 5.01
C MET A 372 -28.45 20.31 4.08
N LYS A 373 -29.57 19.60 4.27
CA LYS A 373 -30.74 19.84 3.46
C LYS A 373 -30.49 19.74 1.96
N THR A 374 -29.89 18.61 1.55
CA THR A 374 -29.43 18.36 0.21
C THR A 374 -30.11 17.17 -0.42
N THR A 375 -29.62 16.83 -1.58
CA THR A 375 -30.13 15.71 -2.35
C THR A 375 -29.07 14.75 -2.73
N SER A 376 -29.47 13.55 -3.16
CA SER A 376 -28.48 12.64 -3.67
C SER A 376 -27.65 13.15 -4.83
N GLU A 377 -28.34 13.69 -5.80
N GLU A 377 -28.31 13.67 -5.82
CA GLU A 377 -27.63 14.20 -6.98
CA GLU A 377 -27.55 14.11 -6.96
C GLU A 377 -26.58 15.24 -6.59
C GLU A 377 -26.57 15.25 -6.62
N GLY A 378 -27.02 16.16 -5.76
CA GLY A 378 -26.04 17.22 -5.36
C GLY A 378 -24.87 16.72 -4.56
N PHE A 379 -25.19 15.80 -3.59
CA PHE A 379 -24.22 15.32 -2.68
C PHE A 379 -23.20 14.38 -3.43
N ARG A 380 -23.73 13.52 -4.32
CA ARG A 380 -22.86 12.70 -5.13
C ARG A 380 -21.86 13.47 -5.93
N LYS A 381 -22.36 14.53 -6.55
CA LYS A 381 -21.49 15.41 -7.38
C LYS A 381 -20.39 16.04 -6.49
N ARG A 382 -20.82 16.50 -5.33
CA ARG A 382 -19.86 17.20 -4.47
C ARG A 382 -18.78 16.29 -4.01
N VAL A 383 -19.14 15.03 -3.61
CA VAL A 383 -18.17 14.07 -3.12
C VAL A 383 -17.26 13.66 -4.22
N GLY A 384 -17.79 13.35 -5.41
CA GLY A 384 -16.97 12.89 -6.45
C GLY A 384 -16.02 13.99 -6.97
N ASP A 385 -16.49 15.22 -7.02
CA ASP A 385 -15.60 16.34 -7.44
C ASP A 385 -14.42 16.41 -6.41
N VAL A 386 -14.69 16.37 -5.13
CA VAL A 386 -13.56 16.38 -4.17
C VAL A 386 -12.59 15.29 -4.42
N VAL A 387 -13.08 14.06 -4.42
CA VAL A 387 -12.19 12.91 -4.37
C VAL A 387 -11.51 12.62 -5.73
N PHE A 388 -12.34 12.64 -6.80
CA PHE A 388 -11.79 12.27 -8.06
C PHE A 388 -10.92 13.34 -8.75
N ASN A 389 -10.97 14.55 -8.23
CA ASN A 389 -10.05 15.58 -8.74
C ASN A 389 -8.78 15.64 -7.90
N HIS A 390 -8.57 14.74 -6.98
CA HIS A 390 -7.45 14.76 -6.08
C HIS A 390 -6.61 13.54 -6.31
N LYS A 391 -5.32 13.64 -6.06
CA LYS A 391 -4.44 12.56 -6.13
C LYS A 391 -4.82 11.40 -5.20
N ALA A 392 -5.37 11.65 -4.01
CA ALA A 392 -5.69 10.59 -3.09
C ALA A 392 -6.79 9.67 -3.77
N GLY A 393 -7.61 10.21 -4.67
CA GLY A 393 -8.60 9.39 -5.38
C GLY A 393 -8.12 8.73 -6.57
N TYR A 394 -6.86 8.83 -7.01
CA TYR A 394 -6.34 8.31 -8.28
C TYR A 394 -6.70 6.84 -8.52
N THR A 395 -6.41 5.97 -7.55
CA THR A 395 -6.58 4.53 -7.80
C THR A 395 -8.05 4.12 -7.76
N ILE A 396 -8.96 4.92 -7.25
CA ILE A 396 -10.31 4.54 -6.89
C ILE A 396 -11.24 4.94 -7.98
N HIS A 397 -12.01 3.94 -8.50
CA HIS A 397 -12.99 4.16 -9.60
C HIS A 397 -14.38 4.18 -9.12
N ARG A 398 -14.78 3.66 -8.01
CA ARG A 398 -16.15 3.70 -7.51
C ARG A 398 -16.21 4.18 -6.11
N LEU A 399 -16.88 5.19 -5.67
CA LEU A 399 -17.16 5.56 -4.37
C LEU A 399 -18.51 5.10 -3.96
N VAL A 400 -18.68 4.39 -2.88
CA VAL A 400 -19.96 3.95 -2.40
C VAL A 400 -20.36 4.71 -1.17
N LEU A 401 -21.36 5.54 -1.12
CA LEU A 401 -21.82 6.27 0.02
C LEU A 401 -22.75 5.40 0.85
N VAL A 402 -22.50 5.26 2.12
CA VAL A 402 -23.34 4.44 2.98
C VAL A 402 -23.67 5.11 4.25
N GLY A 403 -24.79 4.86 4.86
CA GLY A 403 -25.14 5.43 6.10
C GLY A 403 -24.51 4.80 7.35
N ASP A 404 -24.92 5.35 8.49
CA ASP A 404 -24.25 5.04 9.78
C ASP A 404 -24.38 3.67 10.24
N ASP A 405 -25.29 2.88 9.69
CA ASP A 405 -25.46 1.48 10.12
C ASP A 405 -24.45 0.57 9.47
N ILE A 406 -23.73 0.97 8.47
CA ILE A 406 -22.81 0.17 7.80
C ILE A 406 -21.34 0.34 8.27
N ASP A 407 -20.72 -0.80 8.57
CA ASP A 407 -19.31 -0.86 8.91
C ASP A 407 -18.53 -1.03 7.66
N VAL A 408 -17.91 0.09 7.20
CA VAL A 408 -17.23 0.05 5.94
C VAL A 408 -15.99 -0.83 5.90
N TYR A 409 -15.54 -1.22 7.08
CA TYR A 409 -14.42 -2.13 7.18
C TYR A 409 -14.79 -3.61 7.00
N GLU A 410 -16.10 -3.83 6.79
CA GLU A 410 -16.66 -5.19 6.61
C GLU A 410 -17.25 -5.29 5.23
N GLY A 411 -16.51 -5.92 4.35
CA GLY A 411 -16.94 -6.00 2.93
C GLY A 411 -18.29 -6.56 2.74
N LYS A 412 -18.70 -7.55 3.55
N LYS A 412 -18.69 -7.54 3.56
CA LYS A 412 -20.03 -8.10 3.33
CA LYS A 412 -20.00 -8.12 3.33
C LYS A 412 -21.09 -7.06 3.56
C LYS A 412 -21.09 -7.09 3.59
N ASP A 413 -20.89 -6.14 4.50
CA ASP A 413 -21.92 -5.12 4.79
C ASP A 413 -21.92 -4.01 3.73
N VAL A 414 -20.72 -3.73 3.16
CA VAL A 414 -20.64 -2.80 2.06
C VAL A 414 -21.37 -3.39 0.82
N LEU A 415 -21.18 -4.68 0.57
N LEU A 415 -21.18 -4.67 0.55
CA LEU A 415 -21.84 -5.29 -0.59
CA LEU A 415 -21.85 -5.28 -0.61
C LEU A 415 -23.32 -5.34 -0.38
C LEU A 415 -23.34 -5.35 -0.39
N TRP A 416 -23.79 -5.68 0.81
CA TRP A 416 -25.21 -5.61 1.13
C TRP A 416 -25.80 -4.28 0.85
N ALA A 417 -25.20 -3.25 1.37
CA ALA A 417 -25.73 -1.90 1.15
C ALA A 417 -25.70 -1.46 -0.31
N PHE A 418 -24.63 -1.75 -1.01
CA PHE A 418 -24.48 -1.38 -2.42
C PHE A 418 -25.57 -2.03 -3.25
N SER A 419 -25.76 -3.33 -2.98
N SER A 419 -25.76 -3.33 -2.98
CA SER A 419 -26.71 -4.13 -3.80
CA SER A 419 -26.70 -4.13 -3.82
C SER A 419 -28.13 -3.86 -3.50
C SER A 419 -28.13 -3.87 -3.51
N THR A 420 -28.47 -3.31 -2.37
CA THR A 420 -29.81 -3.10 -1.97
C THR A 420 -30.37 -1.70 -1.86
N ARG A 421 -29.41 -0.71 -1.79
CA ARG A 421 -29.72 0.65 -1.56
C ARG A 421 -29.37 1.61 -2.67
N CYS A 422 -28.60 1.16 -3.66
CA CYS A 422 -28.17 2.05 -4.78
C CYS A 422 -28.83 1.51 -6.06
N ARG A 423 -29.82 2.29 -6.52
CA ARG A 423 -30.52 1.99 -7.80
C ARG A 423 -29.59 2.17 -8.96
N PRO A 424 -29.26 1.21 -9.74
CA PRO A 424 -28.38 1.42 -10.88
C PRO A 424 -28.80 2.52 -11.73
N GLY A 425 -27.89 3.39 -12.19
CA GLY A 425 -28.21 4.51 -12.99
C GLY A 425 -28.68 5.70 -12.20
N MET A 426 -29.91 5.73 -11.77
CA MET A 426 -30.54 6.84 -11.08
C MET A 426 -29.79 7.36 -9.81
N ASP A 427 -29.22 6.35 -9.07
CA ASP A 427 -28.54 6.69 -7.80
C ASP A 427 -27.02 6.81 -7.97
N GLU A 428 -26.57 7.03 -9.15
CA GLU A 428 -25.15 7.06 -9.52
C GLU A 428 -24.80 8.28 -10.32
N THR A 429 -23.63 8.83 -10.20
CA THR A 429 -23.13 9.86 -11.09
C THR A 429 -21.86 9.38 -11.68
N LEU A 430 -21.75 9.33 -12.98
CA LEU A 430 -20.61 9.01 -13.73
C LEU A 430 -19.67 10.21 -13.93
N PHE A 431 -18.36 10.01 -13.86
CA PHE A 431 -17.31 11.04 -14.01
C PHE A 431 -16.40 10.61 -15.16
N GLU A 432 -16.55 11.25 -16.33
CA GLU A 432 -15.73 10.88 -17.45
C GLU A 432 -14.54 11.87 -17.69
N ASP A 433 -14.52 13.01 -16.96
CA ASP A 433 -13.55 14.05 -17.23
C ASP A 433 -12.63 14.20 -15.95
N VAL A 434 -12.18 13.10 -15.44
CA VAL A 434 -11.30 12.94 -14.31
C VAL A 434 -10.15 12.02 -14.76
N ARG A 435 -9.02 12.13 -14.07
CA ARG A 435 -7.94 11.17 -14.30
C ARG A 435 -8.36 9.73 -13.91
N GLY A 436 -8.11 8.82 -14.83
CA GLY A 436 -8.40 7.40 -14.59
C GLY A 436 -7.11 6.69 -14.24
N PHE A 437 -7.27 5.49 -13.65
CA PHE A 437 -6.13 4.68 -13.23
C PHE A 437 -5.89 3.67 -14.29
N PRO A 438 -4.89 3.75 -15.12
CA PRO A 438 -4.78 2.91 -16.33
C PRO A 438 -4.50 1.49 -16.03
N LEU A 439 -3.90 1.15 -14.89
N LEU A 439 -3.95 1.23 -14.86
CA LEU A 439 -3.56 -0.24 -14.61
CA LEU A 439 -3.62 -0.09 -14.43
C LEU A 439 -4.78 -1.16 -14.32
C LEU A 439 -4.78 -1.11 -14.37
N ILE A 440 -5.93 -0.56 -14.02
CA ILE A 440 -7.13 -1.42 -13.95
C ILE A 440 -7.41 -2.01 -15.32
N PRO A 441 -7.62 -3.31 -15.46
CA PRO A 441 -7.81 -3.85 -16.82
C PRO A 441 -8.83 -3.16 -17.73
N TYR A 442 -9.97 -2.82 -17.10
CA TYR A 442 -11.02 -2.16 -17.94
C TYR A 442 -10.64 -0.76 -18.38
N MET A 443 -9.52 -0.22 -17.87
CA MET A 443 -8.99 1.10 -18.28
C MET A 443 -7.96 0.82 -19.34
N GLY A 444 -6.72 0.41 -19.03
CA GLY A 444 -5.68 0.35 -19.99
C GLY A 444 -5.79 -0.72 -21.06
N HIS A 445 -6.59 -1.79 -20.73
CA HIS A 445 -6.86 -2.85 -21.70
C HIS A 445 -8.35 -2.89 -22.07
N GLY A 446 -9.06 -1.80 -21.87
CA GLY A 446 -10.48 -1.72 -22.06
C GLY A 446 -10.94 -1.02 -23.30
N ASN A 447 -12.21 -0.66 -23.27
CA ASN A 447 -12.89 -0.06 -24.38
C ASN A 447 -12.82 1.42 -24.59
N GLY A 448 -12.29 2.12 -23.55
CA GLY A 448 -12.20 3.52 -23.62
C GLY A 448 -10.82 4.08 -23.34
N PRO A 449 -10.75 5.41 -23.17
CA PRO A 449 -9.44 6.07 -22.90
C PRO A 449 -8.81 5.48 -21.64
N ALA A 450 -7.50 5.13 -21.73
CA ALA A 450 -6.88 4.49 -20.61
C ALA A 450 -6.71 5.38 -19.40
N HIS A 451 -6.58 6.70 -19.68
CA HIS A 451 -6.17 7.66 -18.69
C HIS A 451 -7.23 8.61 -18.18
N ARG A 452 -8.48 8.44 -18.68
CA ARG A 452 -9.52 9.44 -18.39
C ARG A 452 -10.82 8.71 -18.13
N GLY A 453 -11.53 9.15 -17.13
CA GLY A 453 -12.90 8.74 -16.88
C GLY A 453 -12.99 7.31 -16.33
N GLY A 454 -14.20 6.74 -16.47
CA GLY A 454 -14.44 5.40 -15.93
C GLY A 454 -14.71 5.45 -14.46
N LYS A 455 -15.12 6.54 -13.84
CA LYS A 455 -15.36 6.69 -12.43
C LYS A 455 -16.76 6.94 -12.08
N VAL A 456 -17.25 6.60 -10.92
CA VAL A 456 -18.62 6.67 -10.54
C VAL A 456 -18.82 6.94 -9.07
N VAL A 457 -19.75 7.70 -8.61
CA VAL A 457 -20.21 7.77 -7.27
C VAL A 457 -21.55 7.06 -7.17
N SER A 458 -21.61 5.99 -6.39
CA SER A 458 -22.83 5.20 -6.17
C SER A 458 -23.43 5.53 -4.86
N ASP A 459 -24.60 6.08 -4.78
CA ASP A 459 -25.19 6.48 -3.57
C ASP A 459 -26.07 5.37 -2.93
N ALA A 460 -25.55 4.75 -1.91
CA ALA A 460 -26.26 3.69 -1.18
C ALA A 460 -26.89 4.26 0.09
N LEU A 461 -27.10 5.58 0.19
CA LEU A 461 -27.95 6.18 1.17
C LEU A 461 -29.38 6.11 0.70
N MET A 462 -30.27 5.70 1.59
CA MET A 462 -31.71 5.68 1.30
C MET A 462 -32.26 7.06 1.37
N PRO A 463 -33.49 7.26 0.79
CA PRO A 463 -33.96 8.65 0.73
C PRO A 463 -34.25 9.34 2.00
N THR A 464 -34.73 8.63 2.97
CA THR A 464 -34.97 9.27 4.24
C THR A 464 -33.69 9.61 5.02
N GLU A 465 -32.55 9.06 4.65
CA GLU A 465 -31.30 9.42 5.31
C GLU A 465 -30.96 10.88 5.07
N TYR A 466 -31.43 11.46 3.99
CA TYR A 466 -31.28 12.94 3.65
C TYR A 466 -32.30 13.82 4.38
N THR A 467 -33.40 13.26 4.94
CA THR A 467 -34.56 14.02 5.38
C THR A 467 -34.83 13.79 6.83
N THR A 468 -35.49 12.72 7.18
CA THR A 468 -36.00 12.51 8.49
C THR A 468 -35.32 11.41 9.34
N GLY A 469 -34.53 10.56 8.70
CA GLY A 469 -33.82 9.48 9.41
C GLY A 469 -34.14 8.08 8.83
N ARG A 470 -33.29 7.13 9.07
CA ARG A 470 -33.49 5.75 8.67
C ARG A 470 -34.87 5.30 9.09
N ASN A 471 -35.55 4.59 8.21
CA ASN A 471 -36.93 4.18 8.37
C ASN A 471 -37.13 2.63 8.24
N TRP A 472 -36.07 1.92 8.37
CA TRP A 472 -36.03 0.46 8.34
C TRP A 472 -35.33 -0.08 9.54
N GLU A 473 -35.52 -1.41 9.79
CA GLU A 473 -34.70 -2.24 10.58
C GLU A 473 -34.19 -3.35 9.73
N ALA A 474 -33.01 -3.89 10.00
CA ALA A 474 -32.58 -5.03 9.28
C ALA A 474 -33.38 -6.29 9.72
N ALA A 475 -33.62 -7.13 8.70
CA ALA A 475 -34.19 -8.46 8.95
C ALA A 475 -33.04 -9.44 9.24
N ASP A 476 -32.44 -9.21 10.42
CA ASP A 476 -31.36 -10.02 10.88
C ASP A 476 -31.56 -10.34 12.36
N PHE A 477 -30.68 -11.22 12.87
CA PHE A 477 -30.80 -11.57 14.23
C PHE A 477 -30.62 -10.34 15.19
N ASN A 478 -29.68 -9.48 14.84
CA ASN A 478 -29.31 -8.34 15.71
C ASN A 478 -30.50 -7.31 15.86
N GLN A 479 -31.23 -7.06 14.74
CA GLN A 479 -32.18 -5.98 14.71
C GLN A 479 -33.64 -6.37 14.70
N SER A 480 -33.90 -7.65 14.46
N SER A 480 -34.02 -7.62 14.39
CA SER A 480 -35.27 -8.06 14.29
CA SER A 480 -35.48 -7.92 14.38
C SER A 480 -35.82 -8.79 15.51
C SER A 480 -35.98 -8.60 15.65
N TYR A 481 -35.13 -8.73 16.67
CA TYR A 481 -35.52 -9.43 17.92
C TYR A 481 -35.10 -8.63 19.09
N PRO A 482 -35.88 -8.56 20.13
CA PRO A 482 -35.49 -7.76 21.30
C PRO A 482 -34.28 -8.35 22.01
N GLU A 483 -33.58 -7.44 22.78
CA GLU A 483 -32.44 -7.82 23.49
C GLU A 483 -32.52 -8.99 24.37
N ASP A 484 -33.57 -9.04 25.17
N ASP A 484 -33.57 -9.00 25.18
CA ASP A 484 -33.73 -10.16 26.15
CA ASP A 484 -33.76 -10.10 26.17
C ASP A 484 -33.91 -11.50 25.45
C ASP A 484 -33.80 -11.45 25.40
N LEU A 485 -34.57 -11.50 24.29
CA LEU A 485 -34.70 -12.73 23.56
C LEU A 485 -33.40 -13.16 22.93
N LYS A 486 -32.72 -12.20 22.30
CA LYS A 486 -31.46 -12.55 21.67
C LYS A 486 -30.51 -13.24 22.68
N GLN A 487 -30.42 -12.60 23.85
CA GLN A 487 -29.54 -13.12 24.89
C GLN A 487 -29.98 -14.53 25.38
N LYS A 488 -31.25 -14.77 25.49
CA LYS A 488 -31.75 -16.11 25.79
C LYS A 488 -31.37 -17.14 24.81
N VAL A 489 -31.55 -16.75 23.55
CA VAL A 489 -31.15 -17.63 22.47
C VAL A 489 -29.67 -18.01 22.51
N LEU A 490 -28.82 -16.95 22.67
CA LEU A 490 -27.43 -17.23 22.83
C LEU A 490 -27.03 -18.06 24.04
N ASP A 491 -27.68 -17.76 25.15
CA ASP A 491 -27.35 -18.44 26.39
C ASP A 491 -27.76 -19.91 26.32
N ASN A 492 -28.80 -20.22 25.51
CA ASN A 492 -29.31 -21.63 25.42
C ASN A 492 -28.79 -22.40 24.18
N TRP A 493 -27.94 -21.75 23.34
CA TRP A 493 -27.55 -22.26 22.04
C TRP A 493 -26.93 -23.67 22.10
N THR A 494 -25.92 -23.85 22.93
CA THR A 494 -25.20 -25.15 22.90
C THR A 494 -26.09 -26.17 23.69
N LYS A 495 -26.88 -25.73 24.71
CA LYS A 495 -27.84 -26.59 25.49
C LYS A 495 -28.77 -27.22 24.53
N MET A 496 -29.26 -26.35 23.55
CA MET A 496 -30.26 -26.88 22.64
C MET A 496 -29.73 -27.97 21.68
N GLY A 497 -28.42 -27.85 21.38
CA GLY A 497 -27.64 -28.78 20.51
C GLY A 497 -27.03 -28.16 19.23
N PHE A 498 -26.93 -26.81 19.24
CA PHE A 498 -26.33 -26.10 18.04
C PHE A 498 -24.81 -25.94 18.28
N SER A 499 -23.99 -25.43 17.33
CA SER A 499 -22.46 -25.34 17.53
C SER A 499 -22.01 -23.97 17.97
N HIS A 503 -14.17 -19.70 19.05
CA HIS A 503 -13.51 -18.82 20.06
C HIS A 503 -12.86 -17.62 19.36
N HIS A 504 -13.01 -16.37 19.79
CA HIS A 504 -12.48 -15.20 19.22
C HIS A 504 -10.96 -15.18 18.63
N HIS A 505 -10.14 -15.87 19.45
CA HIS A 505 -8.59 -16.02 19.21
C HIS A 505 -8.21 -17.44 18.51
N HIS A 506 -9.04 -17.98 17.59
CA HIS A 506 -8.75 -19.24 16.84
MN MN B . 4.82 11.83 -1.19
K K C . 4.30 8.41 0.05
K K D . -29.79 5.40 -2.97
O6 JQK E . 4.74 9.95 -2.29
P1 JQK E . 3.62 9.33 -3.16
O4 JQK E . 2.29 9.78 -2.60
O5 JQK E . 3.74 9.53 -4.61
O3 JQK E . 3.75 7.76 -2.80
C30 JQK E . 3.08 6.85 -3.65
C21 JQK E . 2.05 6.13 -2.75
O9 JQK E . 1.01 7.02 -2.35
C20 JQK E . 1.41 4.89 -3.45
O8 JQK E . 0.48 5.42 -4.49
C19 JQK E . 2.36 4.02 -4.20
O7 JQK E . 3.37 3.58 -3.21
C13 JQK E . 1.69 2.74 -4.67
N4 JQK E . 2.48 1.84 -5.38
C4 JQK E . 3.00 2.03 -6.60
N2 JQK E . 2.87 3.29 -7.01
C1 JQK E . 3.37 3.53 -8.20
O1 JQK E . 3.40 4.79 -8.66
C6 JQK E . 2.84 0.55 -4.76
C10 JQK E . 2.69 0.36 -3.37
C9 JQK E . 2.90 -0.92 -2.77
C11 JQK E . 2.53 -1.03 -1.28
C8 JQK E . 3.41 -1.93 -3.56
C12 JQK E . 3.70 -3.23 -2.80
C7 JQK E . 3.61 -1.81 -4.93
C5 JQK E . 3.35 -0.46 -5.52
C15 JQK E . 4.17 -2.76 -5.95
C17 JQK E . 4.29 -4.22 -5.53
C18 JQK E . 5.63 -2.39 -6.28
C16 JQK E . 3.25 -2.75 -7.17
C14 JQK E . 3.11 -1.40 -7.82
N3 JQK E . 3.55 -0.31 -6.90
C3 JQK E . 3.52 1.01 -7.38
C2 JQK E . 4.12 1.27 -8.63
O2 JQK E . 4.72 0.50 -9.38
N1 JQK E . 4.02 2.64 -9.00
C22 JQK E . 1.58 -1.07 -8.01
C23 JQK E . 1.40 0.03 -8.84
C24 JQK E . 0.55 1.13 -8.67
C29 JQK E . 0.72 2.26 -9.57
C28 JQK E . 0.11 3.41 -9.23
C27 JQK E . -0.69 3.54 -8.11
C26 JQK E . -0.92 2.42 -7.28
C25 JQK E . -0.27 1.28 -7.64
#